data_8J4O
#
_entry.id   8J4O
#
_cell.length_a   76.795
_cell.length_b   100.894
_cell.length_c   55.850
_cell.angle_alpha   90.00
_cell.angle_beta   90.00
_cell.angle_gamma   90.00
#
_symmetry.space_group_name_H-M   'P 21 21 2'
#
loop_
_entity.id
_entity.type
_entity.pdbx_description
1 polymer 'Bacterial regulatory helix-turn-helix protein, lysR family protein'
2 non-polymer SPERMIDINE
3 water water
#
_entity_poly.entity_id   1
_entity_poly.type   'polypeptide(L)'
_entity_poly.pdbx_seq_one_letter_code
;MNINQEQLLMFQAVMETGSFSAAARKLGKVPSAVSMSIANLEIDLNLTLFERKGREPTPTAEARVLYEKTAQLLIEMNQW
KQHAHALSTGLEPNLTIVVVSELLHTNWTDYVCLLESRFPDLQINIVSAPQEDALQMLLDGSAQLALMFEREHLDNREQF
VELKREALIPVISKTHPLASQEHVSYEQILGTRQIVVASRDETLKPELLFSKHYWRTDNHHSACLMILRNLGWGVLPQEM
FKENPELNNKLKALDVFDFTPRFEYYVDLVWSRESELGAAARFLIDYIRNKRMQPAP
;
_entity_poly.pdbx_strand_id   A,B
#
# COMPACT_ATOMS: atom_id res chain seq x y z
N ASN A 94 -13.36 17.55 8.55
CA ASN A 94 -12.61 16.30 8.53
C ASN A 94 -11.14 16.53 8.87
N LEU A 95 -10.40 15.42 9.02
CA LEU A 95 -8.96 15.45 9.29
C LEU A 95 -8.27 14.50 8.35
N THR A 96 -7.38 15.02 7.52
CA THR A 96 -6.62 14.18 6.59
C THR A 96 -5.19 14.03 7.10
N ILE A 97 -4.76 12.77 7.24
CA ILE A 97 -3.42 12.41 7.65
C ILE A 97 -2.76 11.67 6.50
N VAL A 98 -1.58 12.13 6.08
CA VAL A 98 -0.81 11.41 5.07
C VAL A 98 0.25 10.58 5.78
N VAL A 99 0.17 9.27 5.60
CA VAL A 99 1.19 8.35 6.06
C VAL A 99 2.06 8.07 4.83
N VAL A 100 3.32 8.51 4.87
CA VAL A 100 4.16 8.34 3.70
C VAL A 100 4.25 6.86 3.34
N SER A 101 4.34 6.58 2.05
CA SER A 101 4.21 5.21 1.55
C SER A 101 5.22 4.27 2.21
N GLU A 102 6.43 4.77 2.49
CA GLU A 102 7.46 3.96 3.13
C GLU A 102 7.08 3.53 4.54
N LEU A 103 6.12 4.22 5.18
CA LEU A 103 5.69 3.90 6.54
C LEU A 103 4.34 3.22 6.61
N LEU A 104 3.72 2.91 5.47
CA LEU A 104 2.42 2.23 5.46
C LEU A 104 2.44 0.96 6.29
N HIS A 105 3.53 0.20 6.25
CA HIS A 105 3.59 -1.11 6.89
C HIS A 105 4.37 -1.08 8.19
N THR A 106 4.34 0.05 8.89
CA THR A 106 4.82 0.18 10.25
C THR A 106 3.63 0.26 11.21
N ASN A 107 3.92 0.39 12.50
CA ASN A 107 2.90 0.39 13.55
C ASN A 107 2.51 1.83 13.87
N TRP A 108 1.46 2.33 13.21
CA TRP A 108 1.04 3.71 13.36
C TRP A 108 -0.39 3.90 13.83
N THR A 109 -1.18 2.84 14.01
CA THR A 109 -2.61 3.02 14.24
C THR A 109 -2.95 3.55 15.64
N ASP A 110 -2.05 3.42 16.62
CA ASP A 110 -2.35 3.96 17.94
C ASP A 110 -2.74 5.43 17.88
N TYR A 111 -2.11 6.19 17.00
CA TYR A 111 -2.39 7.62 16.91
C TYR A 111 -3.78 7.89 16.35
N VAL A 112 -4.27 7.02 15.47
CA VAL A 112 -5.63 7.17 14.97
C VAL A 112 -6.64 6.75 16.03
N CYS A 113 -6.33 5.69 16.79
CA CYS A 113 -7.20 5.28 17.90
C CYS A 113 -7.31 6.39 18.92
N LEU A 114 -6.19 7.08 19.19
CA LEU A 114 -6.19 8.21 20.10
C LEU A 114 -7.16 9.29 19.64
N LEU A 115 -7.10 9.65 18.36
CA LEU A 115 -8.01 10.66 17.83
C LEU A 115 -9.45 10.18 17.93
N GLU A 116 -9.72 8.95 17.54
CA GLU A 116 -11.10 8.46 17.50
C GLU A 116 -11.71 8.40 18.90
N SER A 117 -10.89 8.14 19.92
CA SER A 117 -11.41 8.00 21.28
C SER A 117 -11.98 9.33 21.78
N ARG A 118 -11.32 10.44 21.45
CA ARG A 118 -11.80 11.76 21.85
C ARG A 118 -12.82 12.33 20.90
N PHE A 119 -12.71 12.05 19.61
CA PHE A 119 -13.55 12.65 18.57
C PHE A 119 -14.12 11.54 17.68
N PRO A 120 -15.01 10.71 18.21
CA PRO A 120 -15.56 9.62 17.37
C PRO A 120 -16.41 10.12 16.22
N ASP A 121 -16.91 11.36 16.28
CA ASP A 121 -17.69 11.94 15.20
C ASP A 121 -16.83 12.51 14.09
N LEU A 122 -15.51 12.61 14.30
CA LEU A 122 -14.61 13.15 13.29
C LEU A 122 -14.44 12.18 12.12
N GLN A 123 -14.54 12.71 10.90
CA GLN A 123 -14.17 11.93 9.73
C GLN A 123 -12.67 12.05 9.50
N ILE A 124 -11.97 10.93 9.59
CA ILE A 124 -10.53 10.89 9.36
C ILE A 124 -10.27 10.27 8.00
N ASN A 125 -9.40 10.89 7.21
CA ASN A 125 -8.96 10.36 5.94
C ASN A 125 -7.47 10.04 6.01
N ILE A 126 -7.13 8.78 5.79
CA ILE A 126 -5.75 8.30 5.81
C ILE A 126 -5.32 8.12 4.36
N VAL A 127 -4.40 8.97 3.90
CA VAL A 127 -3.87 8.85 2.55
C VAL A 127 -2.40 8.50 2.63
N SER A 128 -1.87 8.00 1.52
CA SER A 128 -0.47 7.62 1.45
C SER A 128 0.15 8.15 0.17
N ALA A 129 1.35 8.69 0.30
CA ALA A 129 2.10 9.24 -0.84
C ALA A 129 3.57 9.23 -0.47
N PRO A 130 4.47 9.34 -1.44
CA PRO A 130 5.90 9.53 -1.12
C PRO A 130 6.14 10.82 -0.35
N GLN A 131 7.31 10.90 0.30
CA GLN A 131 7.59 12.00 1.23
C GLN A 131 7.56 13.36 0.56
N GLU A 132 8.17 13.50 -0.63
CA GLU A 132 8.20 14.79 -1.29
C GLU A 132 6.79 15.28 -1.58
N ASP A 133 5.91 14.38 -1.98
CA ASP A 133 4.50 14.75 -2.14
C ASP A 133 3.87 15.07 -0.80
N ALA A 134 4.29 14.38 0.27
CA ALA A 134 3.68 14.59 1.58
C ALA A 134 3.89 16.03 2.06
N LEU A 135 5.10 16.57 1.91
CA LEU A 135 5.33 17.95 2.32
C LEU A 135 4.48 18.92 1.53
N GLN A 136 4.33 18.68 0.21
CA GLN A 136 3.50 19.56 -0.60
C GLN A 136 2.04 19.50 -0.15
N MET A 137 1.58 18.35 0.33
CA MET A 137 0.23 18.26 0.88
C MET A 137 0.09 19.04 2.17
N LEU A 138 1.14 19.07 2.99
CA LEU A 138 1.12 19.90 4.19
C LEU A 138 1.05 21.38 3.83
N LEU A 139 1.76 21.77 2.77
CA LEU A 139 1.84 23.18 2.40
C LEU A 139 0.59 23.65 1.67
N ASP A 140 0.02 22.81 0.81
CA ASP A 140 -1.21 23.16 0.10
C ASP A 140 -2.46 22.80 0.89
N GLY A 141 -2.31 22.28 2.11
CA GLY A 141 -3.44 22.04 2.99
C GLY A 141 -4.29 20.85 2.65
N SER A 142 -3.87 19.99 1.73
CA SER A 142 -4.65 18.79 1.45
C SER A 142 -4.49 17.72 2.54
N ALA A 143 -3.49 17.87 3.40
CA ALA A 143 -3.36 17.05 4.61
C ALA A 143 -3.00 17.96 5.76
N GLN A 144 -3.55 17.67 6.94
CA GLN A 144 -3.26 18.46 8.13
C GLN A 144 -2.06 17.92 8.90
N LEU A 145 -1.86 16.61 8.88
CA LEU A 145 -0.78 15.96 9.60
C LEU A 145 -0.08 14.98 8.67
N ALA A 146 1.20 14.73 8.94
CA ALA A 146 1.96 13.77 8.15
C ALA A 146 2.79 12.90 9.08
N LEU A 147 2.84 11.61 8.79
CA LEU A 147 3.76 10.68 9.42
C LEU A 147 4.92 10.47 8.45
N MET A 148 6.11 10.88 8.85
CA MET A 148 7.28 10.87 7.98
C MET A 148 8.44 10.21 8.71
N PHE A 149 9.42 9.74 7.94
CA PHE A 149 10.64 9.21 8.51
C PHE A 149 11.79 10.20 8.30
N GLU A 150 12.69 10.23 9.28
CA GLU A 150 13.76 11.22 9.31
C GLU A 150 14.78 10.97 8.21
N LEU A 154 13.44 19.35 6.28
CA LEU A 154 12.25 20.14 6.56
C LEU A 154 12.58 21.62 6.67
N ASP A 155 11.99 22.43 5.80
CA ASP A 155 12.29 23.86 5.77
C ASP A 155 11.52 24.59 6.88
N ASN A 156 11.65 25.91 6.89
CA ASN A 156 11.18 26.73 8.01
C ASN A 156 9.66 26.68 8.19
N ARG A 157 8.92 26.20 7.19
CA ARG A 157 7.46 26.23 7.26
C ARG A 157 6.86 25.02 7.97
N GLU A 158 7.66 24.02 8.33
CA GLU A 158 7.15 22.81 8.97
C GLU A 158 7.65 22.69 10.40
N GLN A 159 6.86 22.02 11.23
CA GLN A 159 7.22 21.67 12.60
C GLN A 159 6.95 20.18 12.77
N PHE A 160 7.61 19.58 13.77
CA PHE A 160 7.49 18.14 13.96
C PHE A 160 7.70 17.77 15.42
N VAL A 161 7.34 16.52 15.73
CA VAL A 161 7.63 15.89 17.02
C VAL A 161 7.99 14.43 16.74
N GLU A 162 9.00 13.92 17.43
CA GLU A 162 9.48 12.56 17.21
C GLU A 162 8.56 11.56 17.92
N LEU A 163 8.23 10.48 17.22
CA LEU A 163 7.26 9.51 17.71
C LEU A 163 7.90 8.22 18.20
N LYS A 164 8.63 7.52 17.32
CA LYS A 164 9.06 6.16 17.60
C LYS A 164 10.10 5.75 16.56
N ARG A 165 10.73 4.61 16.80
CA ARG A 165 11.60 3.99 15.82
C ARG A 165 11.00 2.69 15.36
N GLU A 166 11.25 2.34 14.09
CA GLU A 166 10.75 1.11 13.49
C GLU A 166 11.92 0.34 12.89
N ALA A 167 12.06 -0.93 13.29
CA ALA A 167 13.12 -1.77 12.77
C ALA A 167 12.74 -2.38 11.42
N LEU A 168 13.72 -2.49 10.54
CA LEU A 168 13.56 -3.14 9.25
C LEU A 168 14.55 -4.29 9.12
N ILE A 169 14.21 -5.27 8.29
CA ILE A 169 14.99 -6.50 8.19
C ILE A 169 15.29 -6.82 6.73
N PRO A 170 16.54 -7.12 6.38
CA PRO A 170 16.83 -7.62 5.03
C PRO A 170 16.42 -9.08 4.93
N VAL A 171 15.63 -9.41 3.90
CA VAL A 171 15.04 -10.75 3.79
C VAL A 171 15.13 -11.26 2.36
N ILE A 172 14.95 -12.57 2.24
CA ILE A 172 14.92 -13.25 0.95
C ILE A 172 13.99 -14.46 1.09
N SER A 173 13.41 -14.88 -0.02
CA SER A 173 12.57 -16.06 -0.01
C SER A 173 13.37 -17.30 0.39
N LYS A 174 12.78 -18.13 1.25
CA LYS A 174 13.49 -19.32 1.70
C LYS A 174 13.76 -20.31 0.57
N THR A 175 13.04 -20.18 -0.55
CA THR A 175 13.28 -21.02 -1.71
C THR A 175 14.21 -20.38 -2.74
N HIS A 176 14.68 -19.18 -2.48
CA HIS A 176 15.70 -18.59 -3.35
C HIS A 176 17.00 -19.37 -3.20
N PRO A 177 17.77 -19.55 -4.28
CA PRO A 177 19.04 -20.30 -4.16
C PRO A 177 19.99 -19.75 -3.10
N LEU A 178 20.02 -18.43 -2.93
CA LEU A 178 20.89 -17.83 -1.93
C LEU A 178 20.46 -18.18 -0.50
N ALA A 179 19.19 -18.54 -0.30
CA ALA A 179 18.70 -18.84 1.05
C ALA A 179 19.20 -20.18 1.57
N SER A 180 19.76 -21.03 0.70
CA SER A 180 20.27 -22.31 1.15
C SER A 180 21.57 -22.18 1.93
N GLN A 181 22.22 -21.03 1.88
CA GLN A 181 23.48 -20.79 2.56
C GLN A 181 23.22 -20.21 3.95
N GLU A 182 24.05 -20.62 4.91
CA GLU A 182 24.00 -20.01 6.23
C GLU A 182 24.37 -18.53 6.17
N HIS A 183 25.37 -18.20 5.36
CA HIS A 183 25.87 -16.84 5.23
C HIS A 183 25.98 -16.49 3.75
N VAL A 184 26.12 -15.19 3.47
CA VAL A 184 26.31 -14.71 2.11
C VAL A 184 27.43 -13.68 2.12
N SER A 185 28.03 -13.48 0.96
CA SER A 185 29.09 -12.50 0.76
C SER A 185 28.55 -11.26 0.08
N TYR A 186 29.32 -10.18 0.14
CA TYR A 186 28.95 -8.97 -0.58
C TYR A 186 28.92 -9.21 -2.08
N GLU A 187 29.87 -10.01 -2.58
CA GLU A 187 29.88 -10.35 -4.00
C GLU A 187 28.57 -11.01 -4.42
N GLN A 188 28.06 -11.92 -3.59
CA GLN A 188 26.79 -12.58 -3.91
C GLN A 188 25.63 -11.60 -3.87
N ILE A 189 25.58 -10.75 -2.84
CA ILE A 189 24.52 -9.75 -2.76
C ILE A 189 24.59 -8.80 -3.95
N LEU A 190 25.81 -8.46 -4.36
CA LEU A 190 25.99 -7.55 -5.49
C LEU A 190 25.37 -8.10 -6.77
N GLY A 191 25.43 -9.43 -6.95
CA GLY A 191 24.90 -10.11 -8.12
C GLY A 191 23.48 -10.61 -8.00
N THR A 192 22.76 -10.27 -6.93
CA THR A 192 21.38 -10.67 -6.73
C THR A 192 20.48 -9.46 -6.86
N ARG A 193 19.39 -9.58 -7.60
CA ARG A 193 18.49 -8.45 -7.77
C ARG A 193 17.93 -7.99 -6.42
N GLN A 194 17.99 -6.69 -6.17
CA GLN A 194 17.41 -6.09 -4.98
C GLN A 194 16.08 -5.43 -5.33
N ILE A 195 15.09 -5.59 -4.46
CA ILE A 195 13.79 -4.91 -4.59
C ILE A 195 13.81 -3.74 -3.63
N VAL A 196 13.89 -2.53 -4.18
CA VAL A 196 14.17 -1.32 -3.42
C VAL A 196 12.89 -0.48 -3.32
N VAL A 197 12.57 -0.05 -2.11
CA VAL A 197 11.42 0.83 -1.87
C VAL A 197 11.94 2.25 -1.83
N ALA A 198 11.57 3.05 -2.83
CA ALA A 198 12.02 4.43 -2.95
C ALA A 198 11.24 5.13 -4.04
N SER A 199 11.20 6.45 -3.96
CA SER A 199 10.53 7.26 -4.98
C SER A 199 11.54 7.89 -5.94
N PRO A 206 23.88 4.27 -2.20
CA PRO A 206 24.66 4.52 -0.98
C PRO A 206 24.09 3.82 0.27
N GLU A 207 23.04 4.40 0.86
CA GLU A 207 22.53 3.93 2.15
C GLU A 207 21.50 2.82 2.04
N LEU A 208 20.95 2.55 0.86
CA LEU A 208 19.91 1.54 0.73
C LEU A 208 20.08 0.58 -0.44
N LEU A 209 20.86 0.92 -1.47
CA LEU A 209 21.08 0.05 -2.61
C LEU A 209 22.43 -0.64 -2.49
N PHE A 210 22.42 -1.98 -2.53
CA PHE A 210 23.66 -2.76 -2.43
C PHE A 210 23.84 -3.77 -3.55
N SER A 211 22.94 -3.84 -4.52
CA SER A 211 23.10 -4.72 -5.65
C SER A 211 23.30 -3.92 -6.94
N LYS A 212 23.96 -4.56 -7.91
CA LYS A 212 24.16 -3.93 -9.20
C LYS A 212 22.84 -3.74 -9.93
N HIS A 213 21.94 -4.73 -9.82
CA HIS A 213 20.64 -4.70 -10.49
C HIS A 213 19.55 -4.61 -9.44
N TYR A 214 18.57 -3.75 -9.69
CA TYR A 214 17.50 -3.50 -8.73
C TYR A 214 16.22 -3.11 -9.46
N TRP A 215 15.10 -3.37 -8.79
CA TRP A 215 13.78 -2.90 -9.19
C TRP A 215 13.30 -1.93 -8.13
N ARG A 216 12.64 -0.86 -8.56
CA ARG A 216 12.11 0.14 -7.64
C ARG A 216 10.61 -0.05 -7.46
N THR A 217 10.16 0.03 -6.22
CA THR A 217 8.75 0.08 -5.92
C THR A 217 8.53 1.15 -4.85
N ASP A 218 7.27 1.54 -4.65
CA ASP A 218 7.00 2.64 -3.74
C ASP A 218 6.41 2.22 -2.40
N ASN A 219 6.28 0.92 -2.13
CA ASN A 219 5.77 0.48 -0.85
C ASN A 219 6.16 -0.97 -0.61
N HIS A 220 6.11 -1.38 0.66
CA HIS A 220 6.64 -2.68 1.07
C HIS A 220 5.69 -3.85 0.80
N HIS A 221 4.40 -3.59 0.60
CA HIS A 221 3.52 -4.67 0.15
C HIS A 221 3.94 -5.16 -1.23
N SER A 222 4.13 -4.22 -2.15
CA SER A 222 4.62 -4.57 -3.48
C SER A 222 5.98 -5.26 -3.39
N ALA A 223 6.89 -4.69 -2.58
CA ALA A 223 8.22 -5.27 -2.43
C ALA A 223 8.13 -6.69 -1.87
N CYS A 224 7.32 -6.87 -0.82
CA CYS A 224 7.19 -8.20 -0.22
C CYS A 224 6.68 -9.22 -1.23
N LEU A 225 5.64 -8.86 -2.00
CA LEU A 225 5.06 -9.81 -2.95
C LEU A 225 6.11 -10.29 -3.96
N MET A 226 6.98 -9.39 -4.40
CA MET A 226 7.96 -9.75 -5.41
C MET A 226 9.10 -10.56 -4.83
N ILE A 227 9.50 -10.25 -3.59
CA ILE A 227 10.48 -11.08 -2.88
C ILE A 227 9.92 -12.49 -2.67
N LEU A 228 8.62 -12.57 -2.35
CA LEU A 228 7.98 -13.87 -2.15
C LEU A 228 7.93 -14.68 -3.45
N ARG A 229 7.93 -14.01 -4.61
CA ARG A 229 8.00 -14.68 -5.89
C ARG A 229 9.44 -14.94 -6.34
N ASN A 230 10.39 -14.90 -5.39
CA ASN A 230 11.81 -15.15 -5.66
C ASN A 230 12.40 -14.16 -6.68
N LEU A 231 11.84 -12.97 -6.79
CA LEU A 231 12.36 -12.02 -7.77
C LEU A 231 13.54 -11.22 -7.24
N GLY A 232 13.88 -11.35 -5.97
CA GLY A 232 15.00 -10.63 -5.41
C GLY A 232 14.95 -10.64 -3.89
N TRP A 233 15.84 -9.86 -3.30
CA TRP A 233 15.89 -9.65 -1.87
C TRP A 233 15.57 -8.19 -1.57
N GLY A 234 15.24 -7.91 -0.31
CA GLY A 234 14.94 -6.53 0.02
C GLY A 234 14.77 -6.37 1.52
N VAL A 235 14.45 -5.14 1.90
CA VAL A 235 14.38 -4.72 3.29
C VAL A 235 12.92 -4.44 3.62
N LEU A 236 12.39 -5.11 4.63
CA LEU A 236 10.99 -4.99 5.03
C LEU A 236 10.88 -4.62 6.50
N PRO A 237 9.84 -3.86 6.86
CA PRO A 237 9.62 -3.56 8.28
C PRO A 237 9.40 -4.83 9.08
N GLN A 238 9.99 -4.88 10.28
CA GLN A 238 9.74 -5.95 11.23
C GLN A 238 8.26 -6.09 11.51
N GLU A 239 7.53 -4.97 11.50
CA GLU A 239 6.09 -4.97 11.76
C GLU A 239 5.34 -5.92 10.83
N MET A 240 5.79 -6.08 9.58
CA MET A 240 5.07 -6.97 8.67
C MET A 240 5.11 -8.42 9.17
N PHE A 241 6.22 -8.82 9.81
CA PHE A 241 6.29 -10.17 10.35
C PHE A 241 5.43 -10.32 11.60
N LYS A 242 5.22 -9.23 12.36
CA LYS A 242 4.28 -9.32 13.48
C LYS A 242 2.84 -9.44 12.97
N GLU A 243 2.47 -8.67 11.95
CA GLU A 243 1.11 -8.71 11.43
C GLU A 243 0.82 -9.98 10.64
N ASN A 244 1.85 -10.63 10.10
CA ASN A 244 1.70 -11.83 9.28
C ASN A 244 2.79 -12.80 9.71
N PRO A 245 2.58 -13.53 10.80
CA PRO A 245 3.62 -14.46 11.27
C PRO A 245 3.96 -15.56 10.28
N GLU A 246 3.03 -15.88 9.37
CA GLU A 246 3.32 -16.89 8.35
C GLU A 246 4.41 -16.45 7.40
N LEU A 247 4.71 -15.14 7.33
CA LEU A 247 5.84 -14.67 6.54
C LEU A 247 7.13 -15.35 6.97
N ASN A 248 7.25 -15.69 8.26
CA ASN A 248 8.44 -16.38 8.74
C ASN A 248 8.59 -17.76 8.12
N ASN A 249 7.48 -18.36 7.68
CA ASN A 249 7.53 -19.64 7.00
C ASN A 249 7.99 -19.51 5.55
N LYS A 250 7.97 -18.31 4.98
CA LYS A 250 8.28 -18.08 3.58
C LYS A 250 9.53 -17.24 3.36
N LEU A 251 9.90 -16.39 4.32
CA LEU A 251 11.02 -15.48 4.20
C LEU A 251 12.04 -15.78 5.29
N LYS A 252 13.31 -15.55 4.98
CA LYS A 252 14.36 -15.69 5.97
C LYS A 252 15.19 -14.43 5.97
N ALA A 253 15.65 -14.05 7.17
CA ALA A 253 16.53 -12.89 7.30
C ALA A 253 17.86 -13.17 6.62
N LEU A 254 18.34 -12.20 5.84
CA LEU A 254 19.59 -12.32 5.11
C LEU A 254 20.73 -11.74 5.95
N ASP A 255 21.79 -12.53 6.14
CA ASP A 255 22.92 -12.13 6.98
C ASP A 255 23.83 -11.19 6.21
N VAL A 256 23.53 -9.90 6.26
CA VAL A 256 24.33 -8.88 5.58
C VAL A 256 24.71 -7.80 6.57
N PHE A 257 24.50 -8.08 7.86
CA PHE A 257 24.63 -7.03 8.87
C PHE A 257 26.06 -6.52 9.01
N ASP A 258 27.05 -7.32 8.62
CA ASP A 258 28.44 -6.88 8.72
C ASP A 258 28.87 -5.94 7.61
N PHE A 259 28.02 -5.71 6.58
CA PHE A 259 28.39 -4.76 5.54
C PHE A 259 27.22 -3.88 5.11
N THR A 260 26.20 -3.72 5.96
CA THR A 260 25.08 -2.83 5.72
C THR A 260 24.84 -1.97 6.95
N PRO A 261 24.25 -0.80 6.79
CA PRO A 261 23.84 -0.02 7.96
C PRO A 261 22.70 -0.71 8.70
N ARG A 262 22.50 -0.26 9.93
CA ARG A 262 21.30 -0.66 10.67
C ARG A 262 20.07 -0.13 9.94
N PHE A 263 19.18 -1.03 9.52
CA PHE A 263 17.99 -0.62 8.77
C PHE A 263 16.89 -0.23 9.75
N GLU A 264 16.49 1.04 9.71
CA GLU A 264 15.52 1.55 10.67
C GLU A 264 14.92 2.85 10.14
N TYR A 265 13.71 3.15 10.60
CA TYR A 265 13.07 4.43 10.39
C TYR A 265 12.91 5.13 11.73
N TYR A 266 13.06 6.46 11.72
CA TYR A 266 12.69 7.28 12.87
C TYR A 266 11.47 8.09 12.44
N VAL A 267 10.33 7.80 13.04
CA VAL A 267 9.05 8.32 12.57
C VAL A 267 8.74 9.62 13.30
N ASP A 268 8.41 10.66 12.52
CA ASP A 268 8.00 11.96 13.05
C ASP A 268 6.56 12.25 12.68
N LEU A 269 5.88 12.97 13.56
CA LEU A 269 4.63 13.64 13.21
C LEU A 269 4.96 15.05 12.74
N VAL A 270 4.53 15.40 11.54
CA VAL A 270 4.91 16.65 10.90
C VAL A 270 3.65 17.42 10.53
N TRP A 271 3.75 18.75 10.56
CA TRP A 271 2.64 19.61 10.16
C TRP A 271 3.18 20.96 9.70
N SER A 272 2.31 21.72 9.04
CA SER A 272 2.67 23.02 8.49
C SER A 272 2.36 24.11 9.52
N ARG A 273 3.36 24.97 9.79
CA ARG A 273 3.20 26.00 10.80
C ARG A 273 2.05 26.95 10.47
N GLU A 274 1.92 27.33 9.22
CA GLU A 274 0.97 28.36 8.80
C GLU A 274 -0.42 27.83 8.52
N SER A 275 -0.63 26.52 8.57
CA SER A 275 -1.89 25.93 8.14
C SER A 275 -2.91 25.92 9.27
N GLU A 276 -4.19 25.98 8.88
CA GLU A 276 -5.29 25.88 9.84
C GLU A 276 -5.34 24.47 10.41
N LEU A 277 -5.24 24.37 11.74
CA LEU A 277 -5.32 23.09 12.44
C LEU A 277 -6.57 23.08 13.31
N GLY A 278 -7.45 22.11 13.05
CA GLY A 278 -8.63 21.92 13.87
C GLY A 278 -8.28 21.39 15.25
N ALA A 279 -9.33 21.19 16.06
CA ALA A 279 -9.13 20.77 17.44
C ALA A 279 -8.50 19.39 17.53
N ALA A 280 -8.85 18.48 16.62
CA ALA A 280 -8.35 17.13 16.72
C ALA A 280 -6.85 17.07 16.42
N ALA A 281 -6.41 17.74 15.36
CA ALA A 281 -5.00 17.75 15.03
C ALA A 281 -4.18 18.38 16.16
N ARG A 282 -4.70 19.44 16.77
CA ARG A 282 -3.98 20.09 17.86
C ARG A 282 -3.93 19.20 19.09
N PHE A 283 -5.00 18.44 19.36
CA PHE A 283 -5.01 17.56 20.52
C PHE A 283 -3.93 16.48 20.39
N LEU A 284 -3.79 15.90 19.20
CA LEU A 284 -2.78 14.86 19.01
C LEU A 284 -1.38 15.42 19.20
N ILE A 285 -1.11 16.60 18.60
CA ILE A 285 0.19 17.23 18.75
C ILE A 285 0.48 17.52 20.21
N ASP A 286 -0.48 18.12 20.91
CA ASP A 286 -0.30 18.47 22.31
C ASP A 286 -0.15 17.21 23.17
N TYR A 287 -0.92 16.16 22.85
CA TYR A 287 -0.83 14.92 23.59
C TYR A 287 0.56 14.32 23.46
N ILE A 288 1.10 14.30 22.24
CA ILE A 288 2.42 13.71 22.01
C ILE A 288 3.50 14.56 22.68
N ARG A 289 3.41 15.89 22.56
CA ARG A 289 4.37 16.77 23.21
C ARG A 289 4.39 16.56 24.71
N ASN A 290 3.22 16.32 25.31
CA ASN A 290 3.14 16.16 26.76
C ASN A 290 3.75 14.84 27.22
N LYS A 291 3.55 13.78 26.45
CA LYS A 291 4.00 12.44 26.84
C LYS A 291 5.52 12.36 27.00
N LEU B 91 18.58 4.79 -20.91
CA LEU B 91 19.54 3.71 -21.09
C LEU B 91 19.30 2.65 -20.02
N GLU B 92 19.52 1.38 -20.40
CA GLU B 92 19.16 0.16 -19.66
C GLU B 92 17.66 -0.04 -19.74
N PRO B 93 17.21 -1.25 -20.06
CA PRO B 93 15.77 -1.45 -20.35
C PRO B 93 14.94 -1.39 -19.08
N ASN B 94 13.88 -0.58 -19.12
CA ASN B 94 13.05 -0.37 -17.94
C ASN B 94 11.59 -0.24 -18.35
N LEU B 95 10.72 -0.70 -17.45
CA LEU B 95 9.28 -0.66 -17.65
C LEU B 95 8.64 -0.31 -16.32
N THR B 96 7.89 0.79 -16.29
CA THR B 96 7.15 1.19 -15.10
C THR B 96 5.67 0.87 -15.28
N ILE B 97 5.11 0.13 -14.33
CA ILE B 97 3.71 -0.24 -14.30
C ILE B 97 3.11 0.41 -13.08
N VAL B 98 2.02 1.15 -13.26
CA VAL B 98 1.33 1.79 -12.13
C VAL B 98 0.09 0.97 -11.82
N VAL B 99 -0.01 0.51 -10.58
CA VAL B 99 -1.16 -0.22 -10.08
C VAL B 99 -1.99 0.78 -9.28
N VAL B 100 -3.22 1.05 -9.72
CA VAL B 100 -4.03 2.02 -9.00
C VAL B 100 -4.22 1.55 -7.57
N SER B 101 -4.36 2.52 -6.66
CA SER B 101 -4.28 2.25 -5.23
C SER B 101 -5.21 1.12 -4.80
N GLU B 102 -6.45 1.15 -5.28
CA GLU B 102 -7.46 0.15 -4.88
C GLU B 102 -7.09 -1.26 -5.30
N LEU B 103 -6.22 -1.43 -6.28
CA LEU B 103 -5.85 -2.73 -6.80
C LEU B 103 -4.55 -3.26 -6.22
N LEU B 104 -3.90 -2.46 -5.36
CA LEU B 104 -2.62 -2.86 -4.78
C LEU B 104 -2.70 -4.21 -4.07
N HIS B 105 -3.82 -4.51 -3.45
CA HIS B 105 -3.96 -5.74 -2.68
C HIS B 105 -4.80 -6.77 -3.41
N THR B 106 -4.75 -6.77 -4.73
CA THR B 106 -5.26 -7.86 -5.55
C THR B 106 -4.08 -8.70 -6.04
N ASN B 107 -4.35 -9.68 -6.89
CA ASN B 107 -3.33 -10.62 -7.34
C ASN B 107 -2.83 -10.15 -8.71
N TRP B 108 -1.67 -9.48 -8.72
CA TRP B 108 -1.13 -8.94 -9.97
C TRP B 108 0.29 -9.40 -10.28
N THR B 109 0.94 -10.18 -9.42
CA THR B 109 2.36 -10.47 -9.60
C THR B 109 2.63 -11.46 -10.72
N ASP B 110 1.62 -12.22 -11.19
CA ASP B 110 1.86 -13.15 -12.30
C ASP B 110 2.32 -12.41 -13.55
N TYR B 111 1.76 -11.24 -13.82
CA TYR B 111 2.17 -10.47 -14.99
C TYR B 111 3.61 -10.02 -14.86
N VAL B 112 4.05 -9.71 -13.64
CA VAL B 112 5.43 -9.32 -13.42
C VAL B 112 6.36 -10.51 -13.61
N CYS B 113 5.95 -11.69 -13.11
CA CYS B 113 6.78 -12.87 -13.27
C CYS B 113 6.88 -13.30 -14.72
N LEU B 114 5.77 -13.19 -15.46
CA LEU B 114 5.79 -13.52 -16.88
C LEU B 114 6.77 -12.62 -17.64
N LEU B 115 6.78 -11.33 -17.30
CA LEU B 115 7.69 -10.40 -17.96
C LEU B 115 9.14 -10.69 -17.59
N GLU B 116 9.41 -10.90 -16.30
CA GLU B 116 10.78 -11.14 -15.85
C GLU B 116 11.36 -12.40 -16.50
N SER B 117 10.56 -13.45 -16.64
CA SER B 117 11.09 -14.68 -17.22
C SER B 117 11.41 -14.51 -18.70
N ARG B 118 10.62 -13.72 -19.42
CA ARG B 118 10.90 -13.49 -20.84
C ARG B 118 11.96 -12.40 -21.06
N PHE B 119 12.03 -11.41 -20.18
CA PHE B 119 13.02 -10.33 -20.28
C PHE B 119 13.81 -10.26 -18.97
N PRO B 120 14.79 -11.14 -18.78
CA PRO B 120 15.53 -11.16 -17.51
C PRO B 120 16.37 -9.92 -17.25
N ASP B 121 16.75 -9.17 -18.28
CA ASP B 121 17.54 -7.95 -18.11
C ASP B 121 16.68 -6.72 -17.85
N LEU B 122 15.37 -6.87 -17.84
CA LEU B 122 14.46 -5.74 -17.78
C LEU B 122 14.25 -5.28 -16.34
N GLN B 123 14.41 -3.98 -16.10
CA GLN B 123 14.02 -3.41 -14.82
C GLN B 123 12.51 -3.17 -14.83
N ILE B 124 11.80 -3.72 -13.85
CA ILE B 124 10.35 -3.58 -13.75
C ILE B 124 10.06 -2.81 -12.48
N ASN B 125 9.53 -1.59 -12.63
CA ASN B 125 9.21 -0.72 -11.50
C ASN B 125 7.69 -0.69 -11.31
N ILE B 126 7.26 -1.07 -10.11
CA ILE B 126 5.84 -1.11 -9.75
C ILE B 126 5.56 0.05 -8.81
N VAL B 127 4.75 1.01 -9.26
CA VAL B 127 4.33 2.12 -8.42
C VAL B 127 2.81 2.10 -8.31
N SER B 128 2.30 2.84 -7.34
CA SER B 128 0.86 2.92 -7.09
C SER B 128 0.46 4.39 -6.97
N ALA B 129 -0.78 4.68 -7.35
CA ALA B 129 -1.28 6.04 -7.41
C ALA B 129 -2.81 5.99 -7.58
N PRO B 130 -3.51 7.08 -7.28
CA PRO B 130 -4.94 7.14 -7.61
C PRO B 130 -5.15 6.99 -9.11
N GLN B 131 -6.33 6.52 -9.48
CA GLN B 131 -6.61 6.23 -10.89
C GLN B 131 -6.36 7.44 -11.78
N GLU B 132 -6.71 8.65 -11.30
CA GLU B 132 -6.51 9.84 -12.12
C GLU B 132 -5.03 10.14 -12.31
N ASP B 133 -4.23 9.98 -11.24
CA ASP B 133 -2.79 10.15 -11.39
C ASP B 133 -2.20 9.06 -12.28
N ALA B 134 -2.72 7.83 -12.17
CA ALA B 134 -2.22 6.76 -13.02
C ALA B 134 -2.41 7.09 -14.49
N LEU B 135 -3.57 7.66 -14.83
CA LEU B 135 -3.83 8.05 -16.21
C LEU B 135 -2.83 9.11 -16.69
N GLN B 136 -2.58 10.12 -15.86
CA GLN B 136 -1.64 11.16 -16.24
C GLN B 136 -0.23 10.59 -16.39
N MET B 137 0.10 9.56 -15.61
CA MET B 137 1.41 8.92 -15.75
C MET B 137 1.56 8.26 -17.11
N LEU B 138 0.48 7.63 -17.60
CA LEU B 138 0.50 7.07 -18.94
C LEU B 138 0.69 8.17 -19.98
N LEU B 139 -0.02 9.28 -19.82
CA LEU B 139 -0.04 10.33 -20.83
C LEU B 139 1.29 11.09 -20.88
N ASP B 140 1.97 11.24 -19.75
CA ASP B 140 3.24 11.95 -19.74
C ASP B 140 4.44 11.01 -19.84
N GLY B 141 4.21 9.71 -20.06
CA GLY B 141 5.28 8.76 -20.24
C GLY B 141 5.95 8.25 -18.97
N SER B 142 5.49 8.69 -17.80
CA SER B 142 6.11 8.24 -16.55
C SER B 142 5.90 6.74 -16.34
N ALA B 143 4.81 6.19 -16.86
CA ALA B 143 4.54 4.76 -16.80
C ALA B 143 4.05 4.31 -18.17
N GLN B 144 4.38 3.07 -18.51
CA GLN B 144 4.00 2.53 -19.82
C GLN B 144 2.69 1.74 -19.77
N LEU B 145 2.37 1.14 -18.63
CA LEU B 145 1.16 0.36 -18.45
C LEU B 145 0.54 0.70 -17.11
N ALA B 146 -0.78 0.52 -17.02
CA ALA B 146 -1.51 0.75 -15.78
C ALA B 146 -2.47 -0.40 -15.54
N LEU B 147 -2.60 -0.78 -14.27
CA LEU B 147 -3.65 -1.71 -13.84
C LEU B 147 -4.77 -0.87 -13.23
N MET B 148 -5.93 -0.89 -13.87
CA MET B 148 -7.07 -0.11 -13.46
C MET B 148 -8.28 -1.03 -13.38
N PHE B 149 -9.33 -0.56 -12.70
CA PHE B 149 -10.58 -1.30 -12.63
C PHE B 149 -11.64 -0.55 -13.42
N GLU B 150 -12.55 -1.30 -14.03
CA GLU B 150 -13.39 -0.76 -15.09
C GLU B 150 -14.23 0.41 -14.61
N ARG B 151 -14.41 1.38 -15.51
CA ARG B 151 -14.89 2.74 -15.24
C ARG B 151 -13.80 3.54 -14.54
N LEU B 154 -12.34 6.68 -18.59
CA LEU B 154 -11.28 6.71 -19.60
C LEU B 154 -11.75 7.44 -20.86
N ASP B 155 -10.86 8.21 -21.46
CA ASP B 155 -11.15 8.94 -22.68
C ASP B 155 -10.53 8.22 -23.87
N ASN B 156 -10.59 8.84 -25.04
CA ASN B 156 -10.16 8.21 -26.28
C ASN B 156 -8.65 8.19 -26.46
N ARG B 157 -7.87 8.75 -25.53
CA ARG B 157 -6.43 8.69 -25.64
C ARG B 157 -5.86 7.39 -25.08
N GLU B 158 -6.69 6.57 -24.43
CA GLU B 158 -6.26 5.33 -23.82
C GLU B 158 -6.81 4.15 -24.59
N GLN B 159 -6.09 3.03 -24.52
CA GLN B 159 -6.58 1.74 -24.96
C GLN B 159 -6.45 0.77 -23.80
N PHE B 160 -7.31 -0.24 -23.79
CA PHE B 160 -7.32 -1.16 -22.66
C PHE B 160 -7.68 -2.56 -23.12
N VAL B 161 -7.40 -3.53 -22.25
CA VAL B 161 -7.86 -4.90 -22.42
C VAL B 161 -8.22 -5.43 -21.04
N GLU B 162 -9.37 -6.09 -20.93
CA GLU B 162 -9.78 -6.63 -19.64
C GLU B 162 -8.84 -7.76 -19.24
N LEU B 163 -8.50 -7.81 -17.94
CA LEU B 163 -7.58 -8.81 -17.41
C LEU B 163 -8.31 -9.90 -16.66
N LYS B 164 -9.02 -9.55 -15.59
CA LYS B 164 -9.59 -10.53 -14.67
C LYS B 164 -10.55 -9.80 -13.76
N ARG B 165 -11.21 -10.56 -12.89
CA ARG B 165 -12.08 -10.03 -11.85
C ARG B 165 -11.52 -10.41 -10.49
N GLU B 166 -11.74 -9.55 -9.51
CA GLU B 166 -11.31 -9.81 -8.14
C GLU B 166 -12.48 -9.63 -7.20
N ALA B 167 -12.66 -10.58 -6.29
CA ALA B 167 -13.77 -10.54 -5.34
C ALA B 167 -13.35 -9.80 -4.07
N LEU B 168 -14.29 -9.02 -3.53
CA LEU B 168 -14.12 -8.37 -2.24
C LEU B 168 -15.24 -8.80 -1.32
N ILE B 169 -15.00 -8.75 -0.01
CA ILE B 169 -16.03 -9.10 0.96
C ILE B 169 -16.11 -8.07 2.09
N PRO B 170 -17.31 -7.75 2.57
CA PRO B 170 -17.44 -6.88 3.75
C PRO B 170 -17.13 -7.66 5.02
N VAL B 171 -16.21 -7.12 5.82
CA VAL B 171 -15.73 -7.82 7.01
C VAL B 171 -15.75 -6.88 8.21
N ILE B 172 -15.69 -7.50 9.39
CA ILE B 172 -15.59 -6.78 10.66
C ILE B 172 -14.72 -7.62 11.58
N SER B 173 -14.15 -6.97 12.59
CA SER B 173 -13.31 -7.69 13.53
C SER B 173 -14.16 -8.61 14.40
N LYS B 174 -13.64 -9.82 14.64
CA LYS B 174 -14.35 -10.78 15.48
C LYS B 174 -14.54 -10.28 16.90
N THR B 175 -13.73 -9.32 17.35
CA THR B 175 -13.87 -8.75 18.68
C THR B 175 -14.65 -7.44 18.70
N HIS B 176 -15.14 -6.99 17.55
CA HIS B 176 -16.00 -5.82 17.52
C HIS B 176 -17.26 -6.08 18.33
N PRO B 177 -17.78 -5.09 19.05
CA PRO B 177 -19.05 -5.29 19.79
C PRO B 177 -20.16 -5.89 18.95
N LEU B 178 -20.28 -5.46 17.69
CA LEU B 178 -21.31 -6.01 16.81
C LEU B 178 -21.11 -7.50 16.54
N ALA B 179 -19.89 -8.01 16.68
CA ALA B 179 -19.63 -9.43 16.44
C ALA B 179 -20.30 -10.35 17.48
N SER B 180 -21.14 -9.80 18.34
CA SER B 180 -21.99 -10.58 19.25
C SER B 180 -23.43 -10.42 18.76
N GLN B 181 -23.92 -9.18 18.81
CA GLN B 181 -25.22 -8.78 18.36
C GLN B 181 -25.23 -7.28 18.43
N VAL B 184 -27.35 -9.15 14.02
CA VAL B 184 -26.99 -7.85 13.44
C VAL B 184 -27.87 -7.47 12.28
N SER B 185 -28.56 -6.37 12.43
CA SER B 185 -29.48 -5.89 11.44
C SER B 185 -28.86 -4.93 10.48
N TYR B 186 -29.56 -4.70 9.40
CA TYR B 186 -29.08 -3.72 8.42
C TYR B 186 -29.00 -2.33 9.06
N GLU B 187 -29.97 -1.99 9.89
CA GLU B 187 -29.96 -0.69 10.56
C GLU B 187 -28.74 -0.53 11.45
N GLN B 188 -28.25 -1.61 12.04
CA GLN B 188 -27.02 -1.51 12.82
C GLN B 188 -25.82 -1.22 11.93
N ILE B 189 -25.76 -1.85 10.76
CA ILE B 189 -24.66 -1.59 9.84
C ILE B 189 -24.70 -0.14 9.37
N LEU B 190 -25.90 0.36 9.09
CA LEU B 190 -26.07 1.77 8.74
C LEU B 190 -25.48 2.68 9.81
N GLY B 191 -25.59 2.28 11.07
CA GLY B 191 -25.11 3.04 12.20
C GLY B 191 -23.72 2.69 12.68
N THR B 192 -22.99 1.85 11.97
CA THR B 192 -21.62 1.48 12.32
C THR B 192 -20.67 2.11 11.31
N ARG B 193 -19.60 2.72 11.80
CA ARG B 193 -18.64 3.40 10.93
C ARG B 193 -18.12 2.46 9.86
N GLN B 194 -18.15 2.93 8.61
CA GLN B 194 -17.55 2.21 7.49
C GLN B 194 -16.16 2.78 7.19
N ILE B 195 -15.21 1.89 6.90
CA ILE B 195 -13.89 2.28 6.47
C ILE B 195 -13.87 2.14 4.95
N VAL B 196 -14.02 3.24 4.24
CA VAL B 196 -14.14 3.25 2.78
C VAL B 196 -12.76 3.33 2.15
N VAL B 197 -12.54 2.53 1.10
CA VAL B 197 -11.30 2.57 0.33
C VAL B 197 -11.60 3.19 -1.02
N ALA B 198 -10.95 4.31 -1.30
CA ALA B 198 -11.12 5.00 -2.57
C ALA B 198 -9.87 5.80 -2.88
N SER B 199 -9.51 5.86 -4.16
CA SER B 199 -8.40 6.70 -4.60
C SER B 199 -8.57 8.11 -4.06
N ARG B 200 -7.48 8.66 -3.52
CA ARG B 200 -7.49 10.01 -2.98
C ARG B 200 -7.55 11.05 -4.10
N THR B 203 -13.76 11.24 -5.67
CA THR B 203 -14.97 11.79 -5.08
C THR B 203 -16.00 10.69 -4.85
N LEU B 204 -16.53 10.61 -3.63
CA LEU B 204 -17.26 9.44 -3.15
C LEU B 204 -18.73 9.53 -3.56
N LYS B 205 -19.11 8.75 -4.56
CA LYS B 205 -20.51 8.70 -4.93
C LYS B 205 -21.26 7.73 -4.01
N PRO B 206 -22.59 7.87 -3.92
CA PRO B 206 -23.34 7.12 -2.91
C PRO B 206 -23.25 5.60 -3.06
N GLU B 207 -22.90 5.09 -4.24
CA GLU B 207 -22.80 3.64 -4.42
C GLU B 207 -21.67 3.04 -3.60
N LEU B 208 -20.72 3.85 -3.13
CA LEU B 208 -19.59 3.36 -2.36
C LEU B 208 -19.83 3.40 -0.87
N LEU B 209 -20.88 4.09 -0.41
CA LEU B 209 -21.11 4.37 1.01
C LEU B 209 -22.34 3.60 1.47
N PHE B 210 -22.17 2.78 2.51
CA PHE B 210 -23.25 1.96 3.02
C PHE B 210 -23.64 2.29 4.46
N SER B 211 -22.93 3.22 5.10
CA SER B 211 -23.24 3.63 6.47
C SER B 211 -23.36 5.15 6.52
N LYS B 212 -23.98 5.63 7.61
CA LYS B 212 -24.19 7.07 7.75
C LYS B 212 -22.88 7.82 7.96
N HIS B 213 -21.91 7.20 8.64
CA HIS B 213 -20.64 7.84 8.92
C HIS B 213 -19.52 6.91 8.48
N TYR B 214 -18.44 7.49 7.98
CA TYR B 214 -17.37 6.70 7.37
C TYR B 214 -16.03 7.40 7.54
N TRP B 215 -14.97 6.60 7.46
CA TRP B 215 -13.62 7.09 7.27
C TRP B 215 -13.18 6.73 5.86
N ARG B 216 -12.27 7.52 5.32
CA ARG B 216 -11.75 7.31 3.98
C ARG B 216 -10.27 6.93 4.05
N THR B 217 -9.88 5.95 3.25
CA THR B 217 -8.49 5.59 3.10
C THR B 217 -8.24 5.26 1.64
N ASP B 218 -6.96 5.31 1.23
CA ASP B 218 -6.64 5.11 -0.17
C ASP B 218 -6.03 3.75 -0.46
N ASN B 219 -6.02 2.83 0.50
CA ASN B 219 -5.55 1.49 0.21
C ASN B 219 -6.06 0.53 1.28
N HIS B 220 -6.18 -0.75 0.90
CA HIS B 220 -6.82 -1.74 1.77
C HIS B 220 -5.96 -2.17 2.94
N HIS B 221 -4.64 -1.99 2.89
CA HIS B 221 -3.84 -2.24 4.09
C HIS B 221 -4.25 -1.30 5.20
N SER B 222 -4.31 0.00 4.90
CA SER B 222 -4.74 1.00 5.86
C SER B 222 -6.14 0.70 6.39
N ALA B 223 -7.07 0.35 5.48
CA ALA B 223 -8.42 0.03 5.91
C ALA B 223 -8.44 -1.20 6.81
N CYS B 224 -7.71 -2.24 6.41
CA CYS B 224 -7.66 -3.47 7.20
C CYS B 224 -7.14 -3.21 8.61
N LEU B 225 -6.12 -2.35 8.73
CA LEU B 225 -5.56 -2.04 10.05
C LEU B 225 -6.61 -1.42 10.95
N MET B 226 -7.45 -0.55 10.42
CA MET B 226 -8.41 0.16 11.24
C MET B 226 -9.61 -0.72 11.58
N ILE B 227 -10.02 -1.59 10.66
CA ILE B 227 -10.99 -2.63 10.99
C ILE B 227 -10.46 -3.54 12.09
N LEU B 228 -9.17 -3.88 12.02
CA LEU B 228 -8.56 -4.74 13.03
C LEU B 228 -8.53 -4.09 14.40
N ARG B 229 -8.48 -2.76 14.45
CA ARG B 229 -8.50 -2.00 15.71
C ARG B 229 -9.93 -1.72 16.17
N ASN B 230 -10.92 -2.38 15.58
CA ASN B 230 -12.31 -2.26 15.96
C ASN B 230 -12.89 -0.89 15.63
N LEU B 231 -12.34 -0.20 14.65
CA LEU B 231 -12.79 1.14 14.31
C LEU B 231 -13.91 1.18 13.28
N GLY B 232 -14.30 0.02 12.76
CA GLY B 232 -15.43 -0.02 11.83
C GLY B 232 -15.44 -1.32 11.06
N TRP B 233 -16.32 -1.38 10.07
CA TRP B 233 -16.34 -2.46 9.11
C TRP B 233 -15.89 -1.93 7.76
N GLY B 234 -15.54 -2.84 6.85
CA GLY B 234 -15.14 -2.39 5.53
C GLY B 234 -15.06 -3.56 4.58
N VAL B 235 -14.83 -3.22 3.32
CA VAL B 235 -14.81 -4.17 2.21
C VAL B 235 -13.35 -4.36 1.80
N LEU B 236 -12.86 -5.59 1.91
CA LEU B 236 -11.49 -5.94 1.61
C LEU B 236 -11.45 -7.01 0.52
N PRO B 237 -10.42 -7.01 -0.32
CA PRO B 237 -10.28 -8.07 -1.32
C PRO B 237 -10.09 -9.43 -0.65
N GLN B 238 -10.73 -10.44 -1.23
CA GLN B 238 -10.50 -11.81 -0.81
C GLN B 238 -9.02 -12.18 -0.84
N GLU B 239 -8.28 -11.56 -1.76
CA GLU B 239 -6.84 -11.82 -1.88
C GLU B 239 -6.10 -11.54 -0.58
N MET B 240 -6.56 -10.56 0.20
CA MET B 240 -5.87 -10.24 1.45
C MET B 240 -5.89 -11.42 2.41
N PHE B 241 -6.97 -12.20 2.43
CA PHE B 241 -7.05 -13.36 3.30
C PHE B 241 -6.20 -14.51 2.78
N LYS B 242 -6.08 -14.65 1.47
CA LYS B 242 -5.17 -15.65 0.91
C LYS B 242 -3.73 -15.34 1.31
N GLU B 243 -3.35 -14.05 1.26
CA GLU B 243 -1.98 -13.65 1.54
C GLU B 243 -1.66 -13.66 3.03
N ASN B 244 -2.64 -13.39 3.89
CA ASN B 244 -2.42 -13.31 5.34
C ASN B 244 -3.48 -14.15 6.04
N PRO B 245 -3.14 -15.40 6.38
CA PRO B 245 -4.10 -16.26 7.09
C PRO B 245 -4.50 -15.74 8.46
N GLU B 246 -3.67 -14.89 9.07
CA GLU B 246 -4.02 -14.27 10.35
C GLU B 246 -5.35 -13.52 10.26
N LEU B 247 -5.69 -13.00 9.08
CA LEU B 247 -6.94 -12.24 8.95
C LEU B 247 -8.15 -13.12 9.23
N ASN B 248 -8.08 -14.41 8.93
CA ASN B 248 -9.17 -15.31 9.27
C ASN B 248 -9.30 -15.50 10.78
N ASN B 249 -8.19 -15.37 11.51
CA ASN B 249 -8.27 -15.46 12.96
C ASN B 249 -8.95 -14.24 13.57
N LYS B 250 -8.80 -13.07 12.93
CA LYS B 250 -9.22 -11.81 13.56
C LYS B 250 -10.44 -11.18 12.93
N LEU B 251 -10.75 -11.47 11.68
CA LEU B 251 -11.89 -10.89 10.99
C LEU B 251 -12.88 -11.98 10.60
N LYS B 252 -14.11 -11.55 10.38
CA LYS B 252 -15.15 -12.43 9.88
C LYS B 252 -15.99 -11.67 8.87
N ALA B 253 -16.53 -12.41 7.90
CA ALA B 253 -17.42 -11.80 6.93
C ALA B 253 -18.71 -11.37 7.59
N LEU B 254 -19.21 -10.20 7.20
CA LEU B 254 -20.50 -9.74 7.69
C LEU B 254 -21.60 -10.61 7.08
N ASP B 255 -22.49 -11.12 7.93
CA ASP B 255 -23.70 -11.78 7.47
C ASP B 255 -24.87 -11.05 8.10
N VAL B 256 -25.45 -10.12 7.34
CA VAL B 256 -26.49 -9.23 7.83
C VAL B 256 -27.70 -9.40 6.92
N PHE B 257 -28.87 -9.63 7.53
CA PHE B 257 -30.09 -9.75 6.75
C PHE B 257 -30.40 -8.44 6.05
N ASP B 258 -30.83 -8.55 4.79
CA ASP B 258 -31.14 -7.45 3.87
C ASP B 258 -29.90 -6.69 3.42
N PHE B 259 -28.70 -7.17 3.75
CA PHE B 259 -27.45 -6.54 3.30
C PHE B 259 -26.70 -7.58 2.47
N THR B 260 -27.00 -7.62 1.17
CA THR B 260 -26.34 -8.55 0.26
C THR B 260 -25.80 -7.84 -1.00
N PRO B 261 -25.04 -6.75 -0.84
CA PRO B 261 -24.41 -6.15 -2.02
C PRO B 261 -23.30 -7.06 -2.51
N ARG B 262 -22.98 -6.93 -3.79
CA ARG B 262 -21.90 -7.71 -4.39
C ARG B 262 -20.75 -6.79 -4.73
N PHE B 263 -19.55 -7.15 -4.27
CA PHE B 263 -18.37 -6.31 -4.43
C PHE B 263 -17.34 -7.04 -5.27
N GLU B 264 -17.00 -6.44 -6.41
CA GLU B 264 -15.98 -7.01 -7.27
C GLU B 264 -15.32 -5.91 -8.09
N TYR B 265 -14.04 -6.10 -8.39
CA TYR B 265 -13.34 -5.28 -9.36
C TYR B 265 -13.20 -6.06 -10.65
N TYR B 266 -13.37 -5.38 -11.78
CA TYR B 266 -12.98 -5.90 -13.08
C TYR B 266 -11.71 -5.17 -13.50
N VAL B 267 -10.60 -5.91 -13.56
CA VAL B 267 -9.28 -5.31 -13.74
C VAL B 267 -8.96 -5.19 -15.23
N ASP B 268 -8.58 -3.97 -15.64
CA ASP B 268 -8.13 -3.68 -16.99
C ASP B 268 -6.64 -3.35 -17.02
N LEU B 269 -6.00 -3.74 -18.11
CA LEU B 269 -4.65 -3.30 -18.46
C LEU B 269 -4.78 -2.13 -19.42
N VAL B 270 -4.19 -0.98 -19.08
CA VAL B 270 -4.42 0.27 -19.80
C VAL B 270 -3.10 0.85 -20.24
N TRP B 271 -3.10 1.46 -21.43
CA TRP B 271 -1.94 2.19 -21.93
C TRP B 271 -2.39 3.38 -22.75
N SER B 272 -1.46 4.30 -22.99
CA SER B 272 -1.72 5.47 -23.82
C SER B 272 -1.43 5.13 -25.28
N ARG B 273 -2.39 5.40 -26.16
CA ARG B 273 -2.20 4.94 -27.54
C ARG B 273 -1.29 5.85 -28.35
N GLU B 274 -0.79 6.94 -27.77
CA GLU B 274 0.18 7.78 -28.44
C GLU B 274 1.53 7.80 -27.72
N SER B 275 1.81 6.77 -26.92
CA SER B 275 3.03 6.70 -26.15
C SER B 275 3.93 5.60 -26.71
N GLU B 276 5.24 5.79 -26.55
CA GLU B 276 6.22 4.79 -26.97
C GLU B 276 6.23 3.66 -25.95
N LEU B 277 5.51 2.58 -26.26
CA LEU B 277 5.59 1.37 -25.45
C LEU B 277 6.76 0.54 -25.96
N GLY B 278 7.63 0.10 -25.04
CA GLY B 278 8.71 -0.78 -25.38
C GLY B 278 8.20 -2.17 -25.74
N ALA B 279 9.14 -3.01 -26.18
CA ALA B 279 8.78 -4.36 -26.62
C ALA B 279 8.19 -5.19 -25.50
N ALA B 280 8.63 -4.98 -24.26
CA ALA B 280 8.14 -5.79 -23.15
C ALA B 280 6.67 -5.50 -22.87
N ALA B 281 6.29 -4.21 -22.85
CA ALA B 281 4.89 -3.87 -22.66
C ALA B 281 4.03 -4.39 -23.82
N ARG B 282 4.55 -4.29 -25.05
CA ARG B 282 3.81 -4.79 -26.20
C ARG B 282 3.61 -6.30 -26.10
N PHE B 283 4.62 -7.01 -25.61
CA PHE B 283 4.50 -8.45 -25.43
C PHE B 283 3.35 -8.81 -24.50
N LEU B 284 3.27 -8.12 -23.35
CA LEU B 284 2.21 -8.42 -22.39
C LEU B 284 0.84 -8.17 -22.99
N ILE B 285 0.66 -7.05 -23.69
CA ILE B 285 -0.62 -6.72 -24.30
C ILE B 285 -1.01 -7.79 -25.30
N ASP B 286 -0.08 -8.17 -26.18
CA ASP B 286 -0.36 -9.20 -27.17
C ASP B 286 -0.63 -10.55 -26.50
N TYR B 287 0.07 -10.82 -25.40
CA TYR B 287 -0.15 -12.05 -24.66
C TYR B 287 -1.57 -12.11 -24.10
N ILE B 288 -2.02 -11.02 -23.47
CA ILE B 288 -3.36 -10.99 -22.89
C ILE B 288 -4.41 -11.05 -23.99
N ARG B 289 -4.19 -10.33 -25.10
CA ARG B 289 -5.16 -10.31 -26.18
C ARG B 289 -5.35 -11.69 -26.79
N ASN B 290 -4.27 -12.46 -26.91
CA ASN B 290 -4.39 -13.83 -27.38
C ASN B 290 -5.17 -14.69 -26.39
N LYS B 291 -4.89 -14.53 -25.09
CA LYS B 291 -5.60 -15.31 -24.08
C LYS B 291 -7.11 -15.10 -24.16
N ARG B 292 -7.53 -13.88 -24.48
CA ARG B 292 -8.95 -13.55 -24.57
C ARG B 292 -9.65 -14.35 -25.67
#